data_1Y2T
#
_entry.id   1Y2T
#
_cell.length_a   91.935
_cell.length_b   96.681
_cell.length_c   75.430
_cell.angle_alpha   90.00
_cell.angle_beta   90.00
_cell.angle_gamma   90.00
#
_symmetry.space_group_name_H-M   'C 2 2 21'
#
loop_
_entity.id
_entity.type
_entity.pdbx_description
1 polymer lectin
2 water water
#
_entity_poly.entity_id   1
_entity_poly.type   'polypeptide(L)'
_entity_poly.pdbx_seq_one_letter_code
;TYTISIRVYQTTPKGFFRPVERTNWKYANGGTWDEVRGEYVLTMGGSGTSGSLRFVSSDTDESFVATFGVHNYKRWCDIV
TNLTNEQTALVINQEYYGVPIRDQARENQLTSYNVANAKGRRFAIEYTVTEGDNLKANLIIG
;
_entity_poly.pdbx_strand_id   A,B
#
# COMPACT_ATOMS: atom_id res chain seq x y z
N THR A 1 -18.41 8.28 -8.01
CA THR A 1 -17.51 7.27 -7.37
C THR A 1 -17.26 6.09 -8.31
N TYR A 2 -15.98 5.76 -8.49
CA TYR A 2 -15.56 4.59 -9.25
C TYR A 2 -15.15 3.47 -8.32
N THR A 3 -15.46 2.23 -8.69
CA THR A 3 -14.79 1.06 -8.13
C THR A 3 -14.16 0.26 -9.25
N ILE A 4 -12.99 -0.30 -8.98
CA ILE A 4 -12.38 -1.29 -9.85
C ILE A 4 -12.17 -2.54 -9.01
N SER A 5 -12.93 -3.59 -9.32
CA SER A 5 -12.88 -4.84 -8.57
C SER A 5 -12.05 -5.87 -9.34
N ILE A 6 -11.01 -6.39 -8.68
CA ILE A 6 -10.01 -7.23 -9.33
C ILE A 6 -10.02 -8.66 -8.81
N ARG A 7 -10.14 -9.61 -9.74
CA ARG A 7 -10.04 -11.04 -9.44
C ARG A 7 -8.68 -11.56 -9.87
N VAL A 8 -7.98 -12.22 -8.97
CA VAL A 8 -6.63 -12.71 -9.25
C VAL A 8 -6.66 -14.19 -9.62
N TYR A 9 -6.06 -14.51 -10.77
CA TYR A 9 -5.95 -15.88 -11.25
C TYR A 9 -4.49 -16.28 -11.38
N GLN A 10 -4.09 -17.30 -10.62
CA GLN A 10 -2.76 -17.89 -10.73
C GLN A 10 -2.88 -19.19 -11.50
N THR A 11 -2.45 -19.18 -12.75
CA THR A 11 -2.78 -20.23 -13.71
C THR A 11 -1.90 -21.49 -13.65
N THR A 12 -0.74 -21.37 -13.00
CA THR A 12 0.20 -22.51 -12.88
C THR A 12 0.70 -22.67 -11.44
N PRO A 13 0.82 -23.91 -10.97
CA PRO A 13 1.38 -24.19 -9.65
C PRO A 13 2.89 -23.97 -9.56
N LYS A 14 3.49 -23.40 -10.61
CA LYS A 14 4.90 -23.06 -10.63
C LYS A 14 5.08 -21.69 -9.97
N GLY A 15 5.72 -21.69 -8.81
CA GLY A 15 5.84 -20.49 -7.99
C GLY A 15 4.55 -20.19 -7.25
N PHE A 16 4.60 -19.21 -6.36
CA PHE A 16 3.41 -18.74 -5.65
C PHE A 16 3.50 -17.25 -5.37
N PHE A 17 2.63 -16.49 -6.03
CA PHE A 17 2.59 -15.04 -5.86
C PHE A 17 1.62 -14.68 -4.74
N ARG A 18 2.09 -13.87 -3.82
CA ARG A 18 1.29 -13.41 -2.68
C ARG A 18 1.23 -11.89 -2.69
N PRO A 19 0.13 -11.31 -2.20
CA PRO A 19 0.00 -9.85 -2.12
C PRO A 19 0.92 -9.27 -1.05
N VAL A 20 1.62 -8.18 -1.35
CA VAL A 20 2.57 -7.61 -0.40
C VAL A 20 2.44 -6.10 -0.16
N GLU A 21 1.65 -5.43 -0.99
CA GLU A 21 1.55 -3.96 -0.95
C GLU A 21 0.36 -3.48 -1.75
N ARG A 22 -0.30 -2.44 -1.25
CA ARG A 22 -1.39 -1.78 -1.97
C ARG A 22 -1.37 -0.27 -1.69
N THR A 23 -1.29 0.52 -2.76
CA THR A 23 -1.07 1.96 -2.63
C THR A 23 -2.16 2.76 -3.32
N ASN A 24 -2.33 4.01 -2.86
CA ASN A 24 -3.27 4.94 -3.47
C ASN A 24 -2.59 6.26 -3.83
N TRP A 25 -2.73 6.66 -5.10
CA TRP A 25 -2.22 7.95 -5.55
C TRP A 25 -3.08 9.09 -5.01
N LYS A 26 -2.48 10.27 -4.89
CA LYS A 26 -3.04 11.41 -4.14
C LYS A 26 -4.09 12.25 -4.87
N TYR A 27 -4.15 12.13 -6.21
CA TYR A 27 -5.08 12.94 -7.01
C TYR A 27 -6.54 12.54 -6.77
N ALA A 28 -7.45 13.43 -7.17
CA ALA A 28 -8.89 13.19 -7.11
C ALA A 28 -9.37 12.69 -5.75
N ASN A 29 -8.79 13.26 -4.69
CA ASN A 29 -9.12 12.95 -3.30
C ASN A 29 -8.67 11.56 -2.81
N GLY A 30 -7.67 11.00 -3.49
CA GLY A 30 -7.04 9.76 -3.04
C GLY A 30 -7.75 8.50 -3.50
N GLY A 31 -8.20 7.71 -2.55
CA GLY A 31 -8.84 6.44 -2.83
C GLY A 31 -8.50 5.39 -1.79
N THR A 32 -9.16 4.23 -1.88
CA THR A 32 -8.96 3.16 -0.90
C THR A 32 -8.86 1.80 -1.58
N TRP A 33 -8.23 0.86 -0.87
CA TRP A 33 -8.27 -0.56 -1.23
C TRP A 33 -9.05 -1.34 -0.18
N ASP A 34 -10.00 -2.15 -0.65
CA ASP A 34 -10.77 -3.04 0.21
C ASP A 34 -10.74 -4.45 -0.32
N GLU A 35 -10.82 -5.42 0.59
CA GLU A 35 -11.08 -6.79 0.19
C GLU A 35 -12.59 -7.03 0.29
N VAL A 36 -13.20 -7.42 -0.82
CA VAL A 36 -14.64 -7.65 -0.88
C VAL A 36 -14.93 -8.96 -1.61
N ARG A 37 -15.43 -9.94 -0.87
CA ARG A 37 -15.86 -11.23 -1.43
C ARG A 37 -14.74 -11.89 -2.26
N GLY A 38 -13.52 -11.82 -1.76
CA GLY A 38 -12.38 -12.44 -2.40
C GLY A 38 -11.72 -11.60 -3.50
N GLU A 39 -12.21 -10.39 -3.70
CA GLU A 39 -11.69 -9.49 -4.72
C GLU A 39 -11.00 -8.27 -4.12
N TYR A 40 -10.06 -7.70 -4.84
CA TYR A 40 -9.40 -6.46 -4.44
C TYR A 40 -10.15 -5.30 -5.08
N VAL A 41 -10.69 -4.42 -4.24
CA VAL A 41 -11.52 -3.32 -4.74
C VAL A 41 -10.86 -1.96 -4.50
N LEU A 42 -10.55 -1.27 -5.60
CA LEU A 42 -10.03 0.08 -5.55
C LEU A 42 -11.19 1.06 -5.72
N THR A 43 -11.40 1.92 -4.72
CA THR A 43 -12.47 2.91 -4.79
C THR A 43 -11.87 4.30 -4.93
N MET A 44 -12.38 5.07 -5.89
CA MET A 44 -11.91 6.42 -6.15
C MET A 44 -13.10 7.37 -6.27
N GLY A 45 -12.92 8.60 -5.81
CA GLY A 45 -13.99 9.59 -5.78
C GLY A 45 -14.40 10.10 -7.15
N GLY A 46 -13.49 9.97 -8.11
CA GLY A 46 -13.74 10.40 -9.47
C GLY A 46 -12.57 10.08 -10.38
N SER A 47 -12.58 10.66 -11.57
CA SER A 47 -11.54 10.44 -12.56
C SER A 47 -10.25 11.16 -12.20
N GLY A 48 -9.11 10.60 -12.60
CA GLY A 48 -7.83 11.27 -12.48
C GLY A 48 -6.83 10.70 -11.49
N THR A 49 -7.14 9.54 -10.92
CA THR A 49 -6.21 8.91 -9.99
C THR A 49 -6.08 7.39 -10.22
N SER A 50 -5.39 6.70 -9.32
CA SER A 50 -5.07 5.30 -9.50
C SER A 50 -4.60 4.65 -8.20
N GLY A 51 -4.41 3.33 -8.26
CA GLY A 51 -3.85 2.58 -7.15
C GLY A 51 -3.08 1.38 -7.68
N SER A 52 -2.12 0.89 -6.88
CA SER A 52 -1.25 -0.20 -7.30
C SER A 52 -1.27 -1.38 -6.34
N LEU A 53 -1.08 -2.57 -6.88
CA LEU A 53 -0.89 -3.79 -6.11
C LEU A 53 0.44 -4.43 -6.48
N ARG A 54 1.21 -4.84 -5.48
CA ARG A 54 2.43 -5.60 -5.71
C ARG A 54 2.26 -7.04 -5.24
N PHE A 55 2.73 -7.97 -6.06
CA PHE A 55 2.73 -9.39 -5.73
C PHE A 55 4.15 -9.94 -5.85
N VAL A 56 4.51 -10.84 -4.94
CA VAL A 56 5.85 -11.44 -4.90
C VAL A 56 5.77 -12.96 -4.83
N SER A 57 6.59 -13.62 -5.65
CA SER A 57 6.81 -15.07 -5.53
C SER A 57 8.23 -15.30 -5.03
N SER A 58 8.34 -15.54 -3.71
CA SER A 58 9.65 -15.74 -3.08
C SER A 58 10.31 -17.06 -3.51
N ASP A 59 9.48 -18.06 -3.83
CA ASP A 59 9.95 -19.35 -4.35
C ASP A 59 10.84 -19.20 -5.57
N THR A 60 10.48 -18.26 -6.45
CA THR A 60 11.10 -18.13 -7.77
C THR A 60 11.75 -16.77 -8.01
N ASP A 61 11.81 -15.94 -6.98
CA ASP A 61 12.37 -14.58 -7.07
C ASP A 61 11.72 -13.76 -8.20
N GLU A 62 10.39 -13.76 -8.21
CA GLU A 62 9.63 -13.01 -9.19
C GLU A 62 8.69 -12.04 -8.49
N SER A 63 8.33 -10.97 -9.20
CA SER A 63 7.43 -9.96 -8.65
C SER A 63 6.91 -9.06 -9.77
N PHE A 64 5.80 -8.36 -9.49
CA PHE A 64 5.26 -7.35 -10.40
C PHE A 64 4.40 -6.35 -9.64
N VAL A 65 4.24 -5.18 -10.24
CA VAL A 65 3.29 -4.18 -9.75
C VAL A 65 2.23 -3.99 -10.83
N ALA A 66 0.96 -4.13 -10.43
CA ALA A 66 -0.17 -3.89 -11.31
C ALA A 66 -0.88 -2.61 -10.87
N THR A 67 -1.06 -1.69 -11.81
CA THR A 67 -1.70 -0.40 -11.51
C THR A 67 -2.98 -0.22 -12.30
N PHE A 68 -4.00 0.31 -11.62
CA PHE A 68 -5.34 0.48 -12.17
C PHE A 68 -5.81 1.90 -11.86
N GLY A 69 -6.45 2.56 -12.81
CA GLY A 69 -6.98 3.88 -12.57
C GLY A 69 -7.96 4.34 -13.63
N VAL A 70 -8.36 5.60 -13.52
CA VAL A 70 -9.23 6.23 -14.52
C VAL A 70 -8.57 7.54 -14.96
N HIS A 71 -8.45 7.71 -16.27
CA HIS A 71 -7.87 8.93 -16.86
C HIS A 71 -8.87 9.51 -17.86
N ASN A 72 -9.27 10.76 -17.64
CA ASN A 72 -10.27 11.44 -18.47
C ASN A 72 -11.49 10.55 -18.74
N TYR A 73 -12.03 9.97 -17.66
CA TYR A 73 -13.23 9.12 -17.68
C TYR A 73 -13.07 7.76 -18.37
N LYS A 74 -11.83 7.37 -18.68
CA LYS A 74 -11.60 6.04 -19.24
C LYS A 74 -10.61 5.27 -18.37
N ARG A 75 -10.95 4.02 -18.07
CA ARG A 75 -10.08 3.17 -17.26
C ARG A 75 -8.73 2.93 -17.95
N TRP A 76 -7.69 2.79 -17.14
CA TRP A 76 -6.38 2.42 -17.64
C TRP A 76 -5.73 1.38 -16.74
N CYS A 77 -4.67 0.76 -17.25
CA CYS A 77 -3.93 -0.24 -16.49
C CYS A 77 -2.52 -0.37 -17.02
N ASP A 78 -1.63 -0.88 -16.16
CA ASP A 78 -0.26 -1.20 -16.54
C ASP A 78 0.31 -2.25 -15.60
N ILE A 79 1.29 -3.00 -16.08
CA ILE A 79 2.07 -3.91 -15.25
C ILE A 79 3.55 -3.61 -15.43
N VAL A 80 4.26 -3.52 -14.31
CA VAL A 80 5.72 -3.41 -14.33
C VAL A 80 6.30 -4.65 -13.65
N THR A 81 7.22 -5.31 -14.33
CA THR A 81 7.93 -6.44 -13.74
C THR A 81 9.45 -6.26 -13.90
N ASN A 82 10.22 -7.31 -13.63
CA ASN A 82 11.69 -7.21 -13.54
C ASN A 82 12.07 -6.10 -12.55
N LEU A 83 11.37 -6.08 -11.43
CA LEU A 83 11.53 -5.01 -10.44
C LEU A 83 12.86 -5.08 -9.73
N THR A 84 13.48 -3.93 -9.53
CA THR A 84 14.61 -3.82 -8.61
C THR A 84 14.04 -3.82 -7.20
N ASN A 85 14.89 -4.01 -6.20
CA ASN A 85 14.47 -3.99 -4.80
C ASN A 85 13.94 -2.62 -4.37
N GLU A 86 14.27 -1.59 -5.14
CA GLU A 86 13.86 -0.22 -4.85
C GLU A 86 12.50 0.11 -5.48
N GLN A 87 12.03 -0.76 -6.36
CA GLN A 87 10.76 -0.53 -7.05
C GLN A 87 9.59 -1.18 -6.32
N THR A 88 9.20 -0.56 -5.20
CA THR A 88 7.98 -0.95 -4.50
C THR A 88 6.78 -0.33 -5.22
N ALA A 89 5.58 -0.73 -4.83
CA ALA A 89 4.37 -0.14 -5.41
C ALA A 89 4.26 1.35 -5.09
N LEU A 90 4.72 1.75 -3.90
CA LEU A 90 4.77 3.16 -3.52
C LEU A 90 5.55 3.98 -4.57
N VAL A 91 6.66 3.42 -5.04
CA VAL A 91 7.50 4.08 -6.05
C VAL A 91 6.82 4.06 -7.42
N ILE A 92 6.39 2.88 -7.85
CA ILE A 92 5.84 2.69 -9.20
C ILE A 92 4.55 3.49 -9.43
N ASN A 93 3.63 3.48 -8.46
CA ASN A 93 2.35 4.19 -8.55
C ASN A 93 2.54 5.66 -8.93
N GLN A 94 3.54 6.29 -8.33
CA GLN A 94 3.80 7.72 -8.52
C GLN A 94 4.38 8.05 -9.89
N GLU A 95 5.05 7.08 -10.50
CA GLU A 95 5.75 7.30 -11.77
C GLU A 95 4.80 7.56 -12.94
N TYR A 96 3.54 7.16 -12.78
CA TYR A 96 2.51 7.41 -13.80
C TYR A 96 2.06 8.87 -13.85
N TYR A 97 2.68 9.71 -13.02
CA TYR A 97 2.37 11.13 -12.98
C TYR A 97 3.65 11.96 -12.99
N GLY A 98 4.46 11.76 -14.03
CA GLY A 98 5.72 12.48 -14.18
C GLY A 98 6.76 11.83 -15.06
N VAL A 99 6.78 10.51 -15.13
CA VAL A 99 7.72 9.79 -15.97
C VAL A 99 7.07 9.56 -17.34
N PRO A 100 7.64 10.15 -18.40
CA PRO A 100 7.04 10.13 -19.74
C PRO A 100 6.54 8.75 -20.22
N ILE A 101 7.37 7.71 -20.09
CA ILE A 101 6.98 6.37 -20.53
C ILE A 101 5.78 5.82 -19.75
N ARG A 102 5.71 6.15 -18.46
CA ARG A 102 4.61 5.72 -17.61
C ARG A 102 3.36 6.56 -17.86
N ASP A 103 3.54 7.87 -18.04
CA ASP A 103 2.46 8.77 -18.42
C ASP A 103 1.73 8.25 -19.67
N GLN A 104 2.52 7.81 -20.65
CA GLN A 104 2.00 7.30 -21.91
C GLN A 104 1.14 6.05 -21.71
N ALA A 105 1.58 5.16 -20.82
CA ALA A 105 0.84 3.95 -20.50
C ALA A 105 -0.54 4.29 -19.94
N ARG A 106 -0.59 5.26 -19.04
CA ARG A 106 -1.85 5.76 -18.48
C ARG A 106 -2.72 6.40 -19.56
N GLU A 107 -2.11 7.24 -20.39
CA GLU A 107 -2.81 7.94 -21.46
C GLU A 107 -3.42 6.99 -22.50
N ASN A 108 -2.83 5.80 -22.62
CA ASN A 108 -3.32 4.76 -23.53
C ASN A 108 -4.71 4.23 -23.16
N GLN A 109 -5.09 4.38 -21.90
CA GLN A 109 -6.42 4.01 -21.41
C GLN A 109 -6.83 2.60 -21.85
N LEU A 110 -5.96 1.63 -21.58
CA LEU A 110 -6.13 0.27 -22.09
C LEU A 110 -7.16 -0.53 -21.30
N THR A 111 -7.92 -1.36 -22.01
CA THR A 111 -8.85 -2.31 -21.40
C THR A 111 -8.13 -3.62 -21.10
N SER A 112 -6.96 -3.80 -21.71
CA SER A 112 -6.14 -4.97 -21.47
C SER A 112 -4.67 -4.66 -21.71
N TYR A 113 -3.80 -5.30 -20.93
CA TYR A 113 -2.36 -5.12 -21.06
C TYR A 113 -1.65 -6.38 -20.59
N ASN A 114 -0.54 -6.70 -21.24
CA ASN A 114 0.30 -7.81 -20.82
C ASN A 114 1.79 -7.52 -20.97
N VAL A 115 2.59 -8.12 -20.10
CA VAL A 115 4.04 -8.04 -20.16
C VAL A 115 4.64 -9.30 -19.52
N ALA A 116 5.79 -9.72 -20.02
CA ALA A 116 6.49 -10.87 -19.47
C ALA A 116 7.79 -10.44 -18.79
N ASN A 117 8.18 -11.17 -17.75
CA ASN A 117 9.47 -10.92 -17.12
C ASN A 117 10.61 -11.63 -17.84
N ALA A 118 11.83 -11.39 -17.38
CA ALA A 118 13.03 -11.98 -17.99
C ALA A 118 13.06 -13.50 -17.87
N LYS A 119 12.32 -14.03 -16.90
CA LYS A 119 12.27 -15.48 -16.65
C LYS A 119 11.24 -16.20 -17.54
N GLY A 120 10.50 -15.44 -18.35
CA GLY A 120 9.58 -16.01 -19.31
C GLY A 120 8.11 -16.01 -18.93
N ARG A 121 7.80 -15.60 -17.69
CA ARG A 121 6.43 -15.60 -17.20
C ARG A 121 5.67 -14.34 -17.60
N ARG A 122 4.47 -14.53 -18.14
CA ARG A 122 3.63 -13.42 -18.57
C ARG A 122 2.56 -13.06 -17.53
N PHE A 123 2.27 -11.77 -17.44
CA PHE A 123 1.22 -11.24 -16.57
C PHE A 123 0.26 -10.42 -17.41
N ALA A 124 -1.02 -10.44 -17.04
CA ALA A 124 -2.03 -9.70 -17.79
C ALA A 124 -3.11 -9.08 -16.91
N ILE A 125 -3.55 -7.89 -17.31
CA ILE A 125 -4.78 -7.29 -16.79
C ILE A 125 -5.81 -7.30 -17.92
N GLU A 126 -7.01 -7.77 -17.61
CA GLU A 126 -8.11 -7.81 -18.58
C GLU A 126 -9.37 -7.25 -17.92
N TYR A 127 -9.79 -6.05 -18.34
CA TYR A 127 -11.05 -5.48 -17.86
C TYR A 127 -12.21 -6.22 -18.51
N THR A 128 -13.08 -6.80 -17.69
CA THR A 128 -14.27 -7.52 -18.17
C THR A 128 -15.49 -6.61 -18.24
N VAL A 129 -15.49 -5.59 -17.39
CA VAL A 129 -16.45 -4.48 -17.47
C VAL A 129 -15.60 -3.22 -17.67
N THR A 130 -15.77 -2.60 -18.83
CA THR A 130 -14.88 -1.52 -19.28
C THR A 130 -15.52 -0.13 -19.21
N GLU A 131 -16.80 -0.09 -18.86
CA GLU A 131 -17.54 1.17 -18.81
C GLU A 131 -18.35 1.29 -17.52
N GLY A 132 -18.66 2.52 -17.14
CA GLY A 132 -19.51 2.78 -15.98
C GLY A 132 -18.75 3.01 -14.69
N ASP A 133 -19.51 2.97 -13.59
CA ASP A 133 -19.00 3.30 -12.26
C ASP A 133 -18.38 2.10 -11.53
N ASN A 134 -18.76 0.90 -11.93
CA ASN A 134 -18.27 -0.31 -11.28
C ASN A 134 -17.51 -1.23 -12.25
N LEU A 135 -16.25 -0.88 -12.47
CA LEU A 135 -15.39 -1.57 -13.40
C LEU A 135 -14.89 -2.87 -12.78
N LYS A 136 -14.64 -3.87 -13.63
CA LYS A 136 -14.18 -5.18 -13.18
C LYS A 136 -13.00 -5.64 -14.03
N ALA A 137 -12.01 -6.27 -13.40
CA ALA A 137 -10.83 -6.73 -14.11
C ALA A 137 -10.32 -8.06 -13.59
N ASN A 138 -9.77 -8.86 -14.50
CA ASN A 138 -9.01 -10.06 -14.15
C ASN A 138 -7.53 -9.71 -14.11
N LEU A 139 -6.85 -10.12 -13.06
CA LEU A 139 -5.39 -10.09 -13.01
C LEU A 139 -4.92 -11.52 -13.19
N ILE A 140 -4.32 -11.80 -14.34
CA ILE A 140 -3.95 -13.16 -14.71
C ILE A 140 -2.45 -13.35 -14.63
N ILE A 141 -2.02 -14.28 -13.79
CA ILE A 141 -0.61 -14.62 -13.63
C ILE A 141 -0.34 -15.93 -14.38
N GLY A 142 0.54 -15.84 -15.39
CA GLY A 142 0.87 -16.98 -16.22
C GLY A 142 1.91 -17.89 -15.59
N THR B 1 17.72 -9.05 8.19
CA THR B 1 16.25 -8.92 7.96
C THR B 1 15.52 -8.56 9.25
N TYR B 2 14.65 -7.55 9.15
CA TYR B 2 13.79 -7.16 10.26
C TYR B 2 12.34 -7.55 9.97
N THR B 3 11.62 -7.93 11.02
CA THR B 3 10.16 -8.00 10.95
C THR B 3 9.54 -7.17 12.06
N ILE B 4 8.43 -6.52 11.75
CA ILE B 4 7.61 -5.87 12.76
C ILE B 4 6.21 -6.46 12.65
N SER B 5 5.80 -7.18 13.70
CA SER B 5 4.50 -7.84 13.74
C SER B 5 3.54 -6.99 14.56
N ILE B 6 2.44 -6.59 13.93
CA ILE B 6 1.50 -5.63 14.51
C ILE B 6 0.13 -6.23 14.79
N ARG B 7 -0.30 -6.12 16.04
CA ARG B 7 -1.65 -6.50 16.45
C ARG B 7 -2.50 -5.25 16.56
N VAL B 8 -3.64 -5.24 15.89
CA VAL B 8 -4.54 -4.08 15.89
C VAL B 8 -5.68 -4.27 16.87
N TYR B 9 -5.81 -3.32 17.80
CA TYR B 9 -6.88 -3.30 18.78
C TYR B 9 -7.79 -2.11 18.54
N GLN B 10 -8.99 -2.38 18.02
CA GLN B 10 -10.01 -1.35 17.86
C GLN B 10 -10.93 -1.39 19.08
N THR B 11 -10.75 -0.43 19.98
CA THR B 11 -11.30 -0.54 21.33
C THR B 11 -12.70 0.02 21.55
N THR B 12 -13.16 0.89 20.66
CA THR B 12 -14.42 1.61 20.87
C THR B 12 -15.42 1.42 19.73
N PRO B 13 -16.58 0.84 20.04
CA PRO B 13 -17.66 0.64 19.06
C PRO B 13 -18.42 1.94 18.73
N LYS B 14 -17.67 3.00 18.46
CA LYS B 14 -18.19 4.23 17.89
C LYS B 14 -17.39 4.48 16.64
N GLY B 15 -18.05 4.33 15.48
CA GLY B 15 -17.35 4.32 14.20
C GLY B 15 -16.64 3.00 13.98
N PHE B 16 -16.07 2.84 12.79
CA PHE B 16 -15.34 1.62 12.45
C PHE B 16 -14.23 1.90 11.47
N PHE B 17 -13.00 1.67 11.94
CA PHE B 17 -11.81 1.83 11.11
C PHE B 17 -11.50 0.55 10.37
N ARG B 18 -11.31 0.67 9.05
CA ARG B 18 -10.96 -0.47 8.21
C ARG B 18 -9.62 -0.19 7.53
N PRO B 19 -8.83 -1.24 7.29
CA PRO B 19 -7.55 -1.08 6.60
C PRO B 19 -7.76 -0.76 5.12
N VAL B 20 -7.09 0.27 4.61
CA VAL B 20 -7.31 0.70 3.23
C VAL B 20 -6.06 0.81 2.36
N GLU B 21 -4.89 0.72 2.97
CA GLU B 21 -3.63 0.94 2.26
C GLU B 21 -2.45 0.42 3.09
N ARG B 22 -1.49 -0.19 2.41
CA ARG B 22 -0.24 -0.63 3.03
C ARG B 22 0.93 -0.40 2.08
N THR B 23 1.90 0.40 2.51
CA THR B 23 2.97 0.84 1.62
C THR B 23 4.35 0.42 2.12
N ASN B 24 5.29 0.34 1.19
CA ASN B 24 6.69 0.05 1.53
C ASN B 24 7.62 1.09 0.95
N TRP B 25 8.45 1.68 1.81
CA TRP B 25 9.47 2.61 1.36
C TRP B 25 10.62 1.84 0.68
N LYS B 26 11.34 2.53 -0.19
CA LYS B 26 12.26 1.92 -1.15
C LYS B 26 13.68 1.62 -0.65
N TYR B 27 14.07 2.20 0.49
CA TYR B 27 15.42 2.02 1.02
C TYR B 27 15.63 0.61 1.57
N ALA B 28 16.89 0.25 1.81
CA ALA B 28 17.29 -1.02 2.42
C ALA B 28 16.66 -2.26 1.74
N ASN B 29 16.64 -2.23 0.41
CA ASN B 29 16.06 -3.28 -0.43
C ASN B 29 14.54 -3.46 -0.27
N GLY B 30 13.87 -2.38 0.13
CA GLY B 30 12.43 -2.36 0.27
C GLY B 30 11.90 -3.25 1.38
N GLY B 31 10.72 -3.79 1.18
CA GLY B 31 10.06 -4.62 2.17
C GLY B 31 8.71 -5.12 1.71
N THR B 32 8.03 -5.87 2.56
CA THR B 32 6.72 -6.44 2.24
C THR B 32 5.77 -6.34 3.41
N TRP B 33 4.47 -6.38 3.11
CA TRP B 33 3.43 -6.57 4.12
C TRP B 33 2.78 -7.93 3.95
N ASP B 34 2.64 -8.66 5.05
CA ASP B 34 1.96 -9.94 5.06
C ASP B 34 0.93 -9.97 6.17
N GLU B 35 -0.14 -10.71 5.94
CA GLU B 35 -1.10 -11.02 7.00
C GLU B 35 -0.76 -12.40 7.54
N VAL B 36 -0.49 -12.47 8.84
CA VAL B 36 -0.06 -13.71 9.48
C VAL B 36 -0.82 -13.89 10.79
N ARG B 37 -1.70 -14.89 10.82
CA ARG B 37 -2.45 -15.25 12.03
C ARG B 37 -3.19 -14.05 12.64
N GLY B 38 -3.77 -13.22 11.77
CA GLY B 38 -4.54 -12.07 12.21
C GLY B 38 -3.73 -10.81 12.50
N GLU B 39 -2.42 -10.89 12.26
CA GLU B 39 -1.51 -9.77 12.49
C GLU B 39 -0.96 -9.23 11.17
N TYR B 40 -0.52 -7.98 11.18
CA TYR B 40 0.16 -7.38 10.04
C TYR B 40 1.66 -7.47 10.24
N VAL B 41 2.35 -8.09 9.30
CA VAL B 41 3.80 -8.28 9.41
C VAL B 41 4.54 -7.52 8.33
N LEU B 42 5.33 -6.53 8.75
CA LEU B 42 6.19 -5.78 7.88
C LEU B 42 7.58 -6.41 7.91
N THR B 43 8.05 -6.86 6.74
CA THR B 43 9.39 -7.44 6.62
C THR B 43 10.25 -6.48 5.80
N MET B 44 11.46 -6.21 6.31
CA MET B 44 12.39 -5.29 5.66
C MET B 44 13.77 -5.94 5.53
N GLY B 45 14.46 -5.62 4.44
CA GLY B 45 15.75 -6.21 4.13
C GLY B 45 16.84 -5.86 5.12
N GLY B 46 16.78 -4.63 5.64
CA GLY B 46 17.76 -4.14 6.61
C GLY B 46 17.28 -2.87 7.27
N SER B 47 18.18 -2.20 7.97
CA SER B 47 17.87 -0.94 8.64
C SER B 47 17.81 0.21 7.62
N GLY B 48 16.94 1.18 7.89
CA GLY B 48 16.88 2.39 7.08
C GLY B 48 15.62 2.56 6.25
N THR B 49 14.64 1.69 6.46
CA THR B 49 13.38 1.81 5.72
C THR B 49 12.14 1.63 6.63
N SER B 50 10.96 1.57 6.03
CA SER B 50 9.71 1.59 6.79
C SER B 50 8.54 1.17 5.93
N GLY B 51 7.37 1.07 6.57
CA GLY B 51 6.11 0.79 5.90
C GLY B 51 4.97 1.46 6.65
N SER B 52 3.91 1.79 5.92
CA SER B 52 2.76 2.50 6.49
C SER B 52 1.45 1.76 6.30
N LEU B 53 0.58 1.88 7.29
CA LEU B 53 -0.80 1.40 7.21
C LEU B 53 -1.77 2.55 7.36
N ARG B 54 -2.72 2.67 6.43
CA ARG B 54 -3.79 3.64 6.59
C ARG B 54 -5.10 2.94 6.96
N PHE B 55 -5.82 3.55 7.90
CA PHE B 55 -7.13 3.08 8.32
C PHE B 55 -8.13 4.22 8.19
N VAL B 56 -9.34 3.90 7.74
CA VAL B 56 -10.38 4.90 7.53
C VAL B 56 -11.67 4.45 8.22
N SER B 57 -12.31 5.39 8.92
CA SER B 57 -13.67 5.20 9.42
C SER B 57 -14.62 6.10 8.64
N SER B 58 -15.24 5.53 7.61
CA SER B 58 -16.13 6.29 6.72
C SER B 58 -17.39 6.79 7.44
N ASP B 59 -17.83 6.05 8.45
CA ASP B 59 -19.03 6.42 9.22
C ASP B 59 -18.86 7.72 9.98
N THR B 60 -17.62 8.03 10.39
CA THR B 60 -17.36 9.19 11.24
C THR B 60 -16.37 10.18 10.63
N ASP B 61 -16.01 9.97 9.36
CA ASP B 61 -15.05 10.82 8.65
C ASP B 61 -13.73 10.98 9.41
N GLU B 62 -13.18 9.84 9.86
CA GLU B 62 -11.91 9.80 10.56
C GLU B 62 -10.94 8.88 9.84
N SER B 63 -9.65 9.12 10.03
CA SER B 63 -8.60 8.34 9.40
C SER B 63 -7.25 8.61 10.05
N PHE B 64 -6.30 7.70 9.85
CA PHE B 64 -4.93 7.89 10.29
C PHE B 64 -3.96 7.02 9.50
N VAL B 65 -2.70 7.45 9.48
CA VAL B 65 -1.63 6.63 8.93
C VAL B 65 -0.64 6.29 10.04
N ALA B 66 -0.40 5.00 10.23
CA ALA B 66 0.59 4.52 11.19
C ALA B 66 1.81 3.98 10.44
N THR B 67 2.99 4.48 10.80
CA THR B 67 4.22 4.10 10.13
C THR B 67 5.19 3.45 11.09
N PHE B 68 5.81 2.37 10.64
CA PHE B 68 6.73 1.55 11.43
C PHE B 68 8.00 1.34 10.62
N GLY B 69 9.15 1.40 11.27
CA GLY B 69 10.40 1.15 10.58
C GLY B 69 11.57 0.97 11.50
N VAL B 70 12.76 0.88 10.90
CA VAL B 70 14.01 0.82 11.65
C VAL B 70 14.93 1.94 11.12
N HIS B 71 15.39 2.79 12.04
CA HIS B 71 16.32 3.86 11.71
C HIS B 71 17.58 3.70 12.54
N ASN B 72 18.73 3.65 11.86
CA ASN B 72 20.01 3.42 12.51
C ASN B 72 19.95 2.28 13.52
N TYR B 73 19.36 1.17 13.07
CA TYR B 73 19.33 -0.10 13.81
C TYR B 73 18.44 -0.09 15.06
N LYS B 74 17.60 0.93 15.18
CA LYS B 74 16.60 1.01 16.25
C LYS B 74 15.22 1.23 15.64
N ARG B 75 14.21 0.55 16.19
CA ARG B 75 12.83 0.69 15.71
C ARG B 75 12.31 2.11 15.91
N TRP B 76 11.44 2.54 15.01
CA TRP B 76 10.74 3.81 15.16
C TRP B 76 9.28 3.68 14.76
N CYS B 77 8.48 4.67 15.16
CA CYS B 77 7.08 4.71 14.78
C CYS B 77 6.56 6.14 14.80
N ASP B 78 5.44 6.35 14.10
CA ASP B 78 4.75 7.63 14.09
C ASP B 78 3.31 7.40 13.67
N ILE B 79 2.44 8.33 14.07
CA ILE B 79 1.05 8.35 13.61
C ILE B 79 0.74 9.75 13.10
N VAL B 80 0.07 9.82 11.95
CA VAL B 80 -0.44 11.09 11.43
C VAL B 80 -1.96 10.96 11.29
N THR B 81 -2.68 11.93 11.86
CA THR B 81 -4.13 11.98 11.70
C THR B 81 -4.56 13.38 11.26
N ASN B 82 -5.86 13.67 11.31
CA ASN B 82 -6.41 14.90 10.73
C ASN B 82 -5.92 15.07 9.29
N LEU B 83 -6.06 13.99 8.52
CA LEU B 83 -5.51 13.92 7.17
C LEU B 83 -6.35 14.71 6.17
N THR B 84 -5.67 15.34 5.22
CA THR B 84 -6.32 15.91 4.05
C THR B 84 -6.61 14.77 3.08
N ASN B 85 -7.45 15.04 2.08
CA ASN B 85 -7.81 14.02 1.09
C ASN B 85 -6.63 13.57 0.24
N GLU B 86 -5.60 14.40 0.17
CA GLU B 86 -4.41 14.12 -0.62
C GLU B 86 -3.39 13.27 0.15
N GLN B 87 -3.58 13.15 1.45
CA GLN B 87 -2.61 12.44 2.30
C GLN B 87 -2.91 10.96 2.43
N THR B 88 -2.59 10.20 1.38
CA THR B 88 -2.64 8.74 1.43
C THR B 88 -1.39 8.24 2.12
N ALA B 89 -1.34 6.94 2.43
CA ALA B 89 -0.14 6.33 3.00
C ALA B 89 1.05 6.41 2.04
N LEU B 90 0.78 6.34 0.73
CA LEU B 90 1.81 6.53 -0.28
C LEU B 90 2.52 7.87 -0.08
N VAL B 91 1.74 8.91 0.15
CA VAL B 91 2.27 10.26 0.40
C VAL B 91 2.99 10.33 1.74
N ILE B 92 2.30 9.90 2.81
CA ILE B 92 2.83 10.03 4.17
C ILE B 92 4.13 9.23 4.38
N ASN B 93 4.16 7.98 3.94
CA ASN B 93 5.36 7.14 4.07
C ASN B 93 6.59 7.80 3.49
N GLN B 94 6.45 8.39 2.30
CA GLN B 94 7.54 9.05 1.58
C GLN B 94 8.04 10.30 2.30
N GLU B 95 7.14 10.96 3.04
CA GLU B 95 7.47 12.22 3.70
C GLU B 95 8.50 12.05 4.82
N TYR B 96 8.62 10.83 5.35
CA TYR B 96 9.62 10.52 6.39
C TYR B 96 11.05 10.51 5.87
N TYR B 97 11.23 10.78 4.57
CA TYR B 97 12.55 10.80 3.96
C TYR B 97 12.73 12.05 3.10
N GLY B 98 12.61 13.21 3.75
CA GLY B 98 12.74 14.49 3.07
C GLY B 98 12.06 15.66 3.75
N VAL B 99 10.92 15.40 4.40
CA VAL B 99 10.17 16.44 5.10
C VAL B 99 10.66 16.55 6.54
N PRO B 100 11.21 17.71 6.91
CA PRO B 100 11.85 17.91 8.22
C PRO B 100 11.03 17.47 9.44
N ILE B 101 9.76 17.84 9.50
CA ILE B 101 8.90 17.50 10.64
C ILE B 101 8.66 15.97 10.74
N ARG B 102 8.82 15.28 9.62
CA ARG B 102 8.67 13.83 9.56
C ARG B 102 10.00 13.12 9.81
N ASP B 103 11.07 13.67 9.23
CA ASP B 103 12.43 13.16 9.43
C ASP B 103 12.76 13.07 10.92
N GLN B 104 12.45 14.13 11.66
CA GLN B 104 12.75 14.21 13.08
C GLN B 104 12.02 13.15 13.90
N ALA B 105 10.77 12.86 13.52
CA ALA B 105 9.97 11.83 14.18
C ALA B 105 10.60 10.46 14.02
N ARG B 106 11.04 10.15 12.79
CA ARG B 106 11.77 8.91 12.50
C ARG B 106 13.05 8.82 13.32
N GLU B 107 13.80 9.92 13.35
CA GLU B 107 15.09 9.98 14.06
C GLU B 107 14.97 9.80 15.57
N ASN B 108 13.76 10.04 16.10
CA ASN B 108 13.50 9.86 17.53
C ASN B 108 13.53 8.40 18.00
N GLN B 109 13.38 7.47 17.05
CA GLN B 109 13.42 6.03 17.33
C GLN B 109 12.53 5.62 18.51
N LEU B 110 11.28 6.05 18.46
CA LEU B 110 10.34 5.86 19.57
C LEU B 110 9.83 4.43 19.69
N THR B 111 9.71 3.96 20.94
CA THR B 111 9.12 2.66 21.23
C THR B 111 7.61 2.79 21.43
N SER B 112 7.14 4.03 21.58
CA SER B 112 5.71 4.31 21.73
C SER B 112 5.37 5.73 21.29
N TYR B 113 4.18 5.89 20.72
CA TYR B 113 3.69 7.21 20.30
C TYR B 113 2.18 7.22 20.33
N ASN B 114 1.61 8.35 20.73
CA ASN B 114 0.16 8.54 20.69
C ASN B 114 -0.23 9.94 20.25
N VAL B 115 -1.38 10.05 19.60
CA VAL B 115 -1.89 11.31 19.09
C VAL B 115 -3.41 11.29 19.11
N ALA B 116 -4.03 12.48 19.14
CA ALA B 116 -5.47 12.60 19.06
C ALA B 116 -5.88 13.40 17.83
N ASN B 117 -6.98 13.00 17.19
CA ASN B 117 -7.55 13.79 16.11
C ASN B 117 -8.41 14.93 16.65
N ALA B 118 -8.94 15.75 15.75
CA ALA B 118 -9.72 16.93 16.12
C ALA B 118 -11.01 16.57 16.87
N LYS B 119 -11.47 15.33 16.71
CA LYS B 119 -12.66 14.85 17.39
C LYS B 119 -12.35 14.29 18.79
N GLY B 120 -11.07 14.23 19.13
CA GLY B 120 -10.62 13.81 20.44
C GLY B 120 -10.33 12.31 20.57
N ARG B 121 -10.35 11.60 19.45
CA ARG B 121 -10.03 10.18 19.46
C ARG B 121 -8.53 9.94 19.49
N ARG B 122 -8.09 9.07 20.39
CA ARG B 122 -6.68 8.76 20.57
C ARG B 122 -6.27 7.55 19.72
N PHE B 123 -5.09 7.64 19.12
CA PHE B 123 -4.46 6.53 18.42
C PHE B 123 -3.08 6.32 19.01
N ALA B 124 -2.68 5.06 19.20
CA ALA B 124 -1.40 4.76 19.83
C ALA B 124 -0.68 3.57 19.21
N ILE B 125 0.65 3.67 19.17
CA ILE B 125 1.51 2.54 18.89
C ILE B 125 2.34 2.27 20.14
N GLU B 126 2.40 1.01 20.56
CA GLU B 126 3.31 0.61 21.62
C GLU B 126 4.06 -0.66 21.22
N TYR B 127 5.38 -0.55 21.12
CA TYR B 127 6.23 -1.70 20.85
C TYR B 127 6.30 -2.57 22.10
N THR B 128 6.01 -3.85 21.95
CA THR B 128 6.06 -4.80 23.06
C THR B 128 7.38 -5.58 23.04
N VAL B 129 7.99 -5.67 21.87
CA VAL B 129 9.36 -6.16 21.73
C VAL B 129 10.15 -5.06 21.02
N THR B 130 11.14 -4.52 21.72
CA THR B 130 11.83 -3.30 21.29
C THR B 130 13.26 -3.52 20.81
N GLU B 131 13.73 -4.76 20.90
CA GLU B 131 15.09 -5.12 20.53
C GLU B 131 15.14 -6.36 19.63
N GLY B 132 16.22 -6.48 18.86
CA GLY B 132 16.42 -7.64 18.00
C GLY B 132 15.85 -7.49 16.61
N ASP B 133 15.90 -8.57 15.83
CA ASP B 133 15.44 -8.59 14.45
C ASP B 133 13.92 -8.65 14.32
N ASN B 134 13.27 -9.31 15.29
CA ASN B 134 11.85 -9.55 15.21
C ASN B 134 11.08 -8.75 16.26
N LEU B 135 10.63 -7.57 15.85
CA LEU B 135 9.95 -6.62 16.73
C LEU B 135 8.45 -6.82 16.72
N LYS B 136 7.79 -6.39 17.79
CA LYS B 136 6.35 -6.54 17.94
C LYS B 136 5.74 -5.24 18.46
N ALA B 137 4.55 -4.90 17.95
CA ALA B 137 3.85 -3.70 18.40
C ALA B 137 2.34 -3.89 18.44
N ASN B 138 1.70 -3.19 19.37
CA ASN B 138 0.26 -3.04 19.38
C ASN B 138 -0.11 -1.72 18.71
N LEU B 139 -1.10 -1.75 17.82
CA LEU B 139 -1.70 -0.55 17.29
C LEU B 139 -3.08 -0.40 17.93
N ILE B 140 -3.23 0.61 18.77
CA ILE B 140 -4.46 0.77 19.55
C ILE B 140 -5.29 1.95 19.06
N ILE B 141 -6.51 1.66 18.64
CA ILE B 141 -7.44 2.68 18.20
C ILE B 141 -8.43 2.97 19.32
N GLY B 142 -8.43 4.20 19.80
CA GLY B 142 -9.30 4.61 20.89
C GLY B 142 -10.70 5.02 20.44
#